data_2MB4
#
_entry.id   2MB4
#
_entity_poly.entity_id   1
_entity_poly.type   'polydeoxyribonucleotide'
_entity_poly.pdbx_seq_one_letter_code
;(DA)(DG)(DG)(DG)(DG)(DG)(DG)(DA)(DG)(DG)(DG)(DA)(DG)(DG)(DG)(DT)(DG)(DG)
;
_entity_poly.pdbx_strand_id   A,B
#
loop_
_chem_comp.id
_chem_comp.type
_chem_comp.name
_chem_comp.formula
DA DNA linking 2'-DEOXYADENOSINE-5'-MONOPHOSPHATE 'C10 H14 N5 O6 P'
DG DNA linking 2'-DEOXYGUANOSINE-5'-MONOPHOSPHATE 'C10 H14 N5 O7 P'
DT DNA linking THYMIDINE-5'-MONOPHOSPHATE 'C10 H15 N2 O8 P'
#